data_5TVO
#
_entry.id   5TVO
#
_cell.length_a   46.669
_cell.length_b   75.644
_cell.length_c   87.915
_cell.angle_alpha   90.00
_cell.angle_beta   90.00
_cell.angle_gamma   90.00
#
_symmetry.space_group_name_H-M   'P 21 21 21'
#
loop_
_entity.id
_entity.type
_entity.pdbx_description
1 polymer 'S-adenosylmethionine decarboxylase alpha chain'
2 polymer 'S-adenosylmethionine decarboxylase proenzyme'
3 non-polymer 'SODIUM ION'
4 water water
#
loop_
_entity_poly.entity_id
_entity_poly.type
_entity_poly.pdbx_seq_one_letter_code
_entity_poly.pdbx_strand_id
1 'polypeptide(L)'
;(PYR)SLFVMKDRVILITCGTITLLNCVPLICEAVSTVCGEVEWVSFMHKNYSFPWEQKGPHLSMAEEFKTLRSHFPSGQ
PFIFGPIDSDHYFLYFHSDVVQPSCSDDAQLSMTMYGLDRNQTKHWYSDKMLPTGPETAVIREATGLSEVVDDSWILHDL
QYEPCGYSINAIRGSEYQTIHITPEEHCSFASYETNTCALNYSKCICGVLRVFDPERFSVIVFIDPDSAVGKSYHSGGTI
GVEPEYYPNYEAHHRTVNEYTPGHWVLKVNYVKRAVGTVGTSAASGAKE
;
A
2 'polypeptide(L)' SFEGPEKRLEVIMRVVDGTHVSGLLAHDDDVWQKVIDAICAHIVSREFNEYIRSYVLSE B
#
# COMPACT_ATOMS: atom_id res chain seq x y z
N SER A 2 6.92 -5.35 2.09
CA SER A 2 6.02 -6.19 1.29
C SER A 2 6.25 -5.99 -0.18
N LEU A 3 6.28 -7.09 -0.94
CA LEU A 3 6.25 -7.07 -2.38
C LEU A 3 5.07 -7.92 -2.84
N PHE A 4 4.22 -7.36 -3.69
CA PHE A 4 3.16 -8.11 -4.37
C PHE A 4 3.41 -8.07 -5.86
N VAL A 5 3.34 -9.24 -6.49
CA VAL A 5 3.50 -9.39 -7.94
C VAL A 5 2.21 -9.97 -8.49
N MET A 6 1.64 -9.28 -9.48
CA MET A 6 0.50 -9.79 -10.24
CA MET A 6 0.49 -9.74 -10.25
C MET A 6 0.89 -9.87 -11.71
N LYS A 7 -0.04 -10.38 -12.53
CA LYS A 7 0.23 -10.50 -13.96
C LYS A 7 0.72 -9.19 -14.57
N ASP A 8 0.16 -8.06 -14.14
CA ASP A 8 0.45 -6.79 -14.80
C ASP A 8 1.00 -5.72 -13.87
N ARG A 9 1.48 -6.06 -12.69
CA ARG A 9 1.95 -4.99 -11.81
C ARG A 9 2.76 -5.53 -10.65
N VAL A 10 3.51 -4.63 -10.05
CA VAL A 10 4.32 -4.89 -8.86
CA VAL A 10 4.25 -4.93 -8.83
C VAL A 10 4.03 -3.78 -7.85
N ILE A 11 3.81 -4.12 -6.59
CA ILE A 11 3.65 -3.16 -5.51
C ILE A 11 4.69 -3.47 -4.44
N LEU A 12 5.47 -2.46 -4.04
CA LEU A 12 6.51 -2.60 -3.03
C LEU A 12 6.28 -1.54 -1.96
N ILE A 13 6.16 -1.98 -0.71
CA ILE A 13 5.97 -1.10 0.44
C ILE A 13 7.05 -1.44 1.45
N THR A 14 7.76 -0.44 1.94
CA THR A 14 8.78 -0.71 2.95
C THR A 14 8.76 0.40 3.99
N CYS A 15 9.44 0.13 5.11
CA CYS A 15 9.59 1.10 6.20
C CYS A 15 11.06 1.16 6.60
N GLY A 16 11.73 2.25 6.24
CA GLY A 16 13.07 2.50 6.71
C GLY A 16 14.19 2.04 5.80
N THR A 17 13.87 1.53 4.62
CA THR A 17 14.92 1.13 3.69
C THR A 17 15.44 2.35 2.92
N ILE A 18 16.47 2.10 2.11
CA ILE A 18 16.91 3.06 1.11
C ILE A 18 15.83 3.24 0.06
N THR A 19 16.03 4.20 -0.84
CA THR A 19 15.01 4.58 -1.81
C THR A 19 14.56 3.39 -2.66
N LEU A 20 13.23 3.27 -2.82
CA LEU A 20 12.65 2.24 -3.68
C LEU A 20 12.89 2.50 -5.16
N LEU A 21 13.29 3.71 -5.53
CA LEU A 21 13.59 3.96 -6.93
C LEU A 21 14.74 3.07 -7.40
N ASN A 22 15.56 2.57 -6.47
CA ASN A 22 16.61 1.61 -6.85
C ASN A 22 16.05 0.39 -7.57
N CYS A 23 14.78 0.03 -7.30
CA CYS A 23 14.18 -1.17 -7.87
C CYS A 23 13.59 -0.96 -9.25
N VAL A 24 13.46 0.28 -9.69
CA VAL A 24 12.80 0.54 -10.95
C VAL A 24 13.51 -0.14 -12.12
N PRO A 25 14.84 -0.09 -12.25
CA PRO A 25 15.45 -0.70 -13.45
C PRO A 25 15.16 -2.16 -13.60
N LEU A 26 15.28 -2.94 -12.52
CA LEU A 26 15.05 -4.38 -12.62
C LEU A 26 13.57 -4.71 -12.80
N ILE A 27 12.67 -3.91 -12.23
CA ILE A 27 11.25 -4.10 -12.51
C ILE A 27 10.97 -3.84 -13.98
N CYS A 28 11.54 -2.77 -14.54
CA CYS A 28 11.35 -2.52 -15.97
C CYS A 28 11.92 -3.65 -16.82
N GLU A 29 13.06 -4.20 -16.40
CA GLU A 29 13.60 -5.36 -17.13
C GLU A 29 12.65 -6.53 -17.06
N ALA A 30 12.01 -6.74 -15.90
CA ALA A 30 11.09 -7.86 -15.78
C ALA A 30 9.90 -7.67 -16.71
N VAL A 31 9.48 -6.41 -16.88
CA VAL A 31 8.42 -6.11 -17.83
C VAL A 31 8.89 -6.39 -19.25
N SER A 32 10.07 -5.90 -19.62
CA SER A 32 10.48 -6.07 -21.01
C SER A 32 10.76 -7.54 -21.35
N THR A 33 11.24 -8.33 -20.37
CA THR A 33 11.52 -9.73 -20.68
C THR A 33 10.26 -10.52 -20.98
N VAL A 34 9.09 -10.09 -20.49
CA VAL A 34 7.83 -10.72 -20.87
C VAL A 34 7.09 -9.92 -21.95
N CYS A 35 7.76 -8.92 -22.55
CA CYS A 35 7.22 -8.16 -23.68
C CYS A 35 5.97 -7.40 -23.31
N GLY A 36 5.89 -6.95 -22.06
CA GLY A 36 4.93 -5.94 -21.65
C GLY A 36 5.51 -4.56 -21.86
N GLU A 37 4.69 -3.56 -21.56
CA GLU A 37 5.10 -2.17 -21.72
C GLU A 37 4.75 -1.41 -20.45
N VAL A 38 5.73 -0.73 -19.88
CA VAL A 38 5.47 0.04 -18.67
C VAL A 38 4.46 1.13 -18.99
N GLU A 39 3.42 1.25 -18.15
CA GLU A 39 2.36 2.23 -18.36
C GLU A 39 2.27 3.25 -17.23
N TRP A 40 2.40 2.81 -15.99
CA TRP A 40 2.33 3.68 -14.83
C TRP A 40 3.47 3.36 -13.88
N VAL A 41 4.06 4.39 -13.31
CA VAL A 41 4.91 4.27 -12.14
C VAL A 41 4.38 5.25 -11.11
N SER A 42 4.18 4.82 -9.87
CA SER A 42 3.75 5.69 -8.79
CA SER A 42 3.84 5.77 -8.83
C SER A 42 4.72 5.52 -7.63
N PHE A 43 5.00 6.61 -6.92
CA PHE A 43 5.85 6.54 -5.75
C PHE A 43 5.37 7.54 -4.71
N MET A 44 5.58 7.19 -3.45
CA MET A 44 5.28 8.10 -2.35
C MET A 44 6.44 9.09 -2.18
N HIS A 45 6.10 10.37 -2.01
CA HIS A 45 7.09 11.40 -1.75
C HIS A 45 6.42 12.48 -0.90
N LYS A 46 7.05 12.85 0.20
CA LYS A 46 6.46 13.82 1.12
C LYS A 46 7.06 15.18 0.86
N ASN A 47 6.30 16.04 0.22
CA ASN A 47 6.70 17.43 0.05
C ASN A 47 6.34 18.28 1.25
N TYR A 48 5.23 17.94 1.92
CA TYR A 48 4.67 18.72 3.02
C TYR A 48 4.42 17.77 4.16
N SER A 49 4.87 18.15 5.35
CA SER A 49 4.75 17.28 6.51
C SER A 49 4.05 18.04 7.62
N PHE A 50 3.29 17.30 8.43
CA PHE A 50 2.63 17.86 9.59
C PHE A 50 3.26 17.31 10.86
N PRO A 51 3.03 17.97 12.00
CA PRO A 51 3.71 17.55 13.25
C PRO A 51 3.50 16.09 13.62
N TRP A 52 2.35 15.50 13.30
CA TRP A 52 2.09 14.10 13.67
C TRP A 52 2.76 13.11 12.73
N GLU A 53 3.53 13.58 11.75
CA GLU A 53 4.23 12.69 10.83
C GLU A 53 5.71 12.61 11.17
N HIS A 58 15.13 12.25 3.25
CA HIS A 58 14.78 11.80 1.90
C HIS A 58 15.20 12.83 0.84
N LEU A 59 15.12 12.41 -0.42
CA LEU A 59 15.52 13.27 -1.52
C LEU A 59 14.45 14.35 -1.77
N SER A 60 14.87 15.39 -2.49
CA SER A 60 13.93 16.44 -2.89
C SER A 60 13.09 15.96 -4.07
N MET A 61 11.97 16.66 -4.30
CA MET A 61 11.13 16.33 -5.45
C MET A 61 11.96 16.35 -6.71
N ALA A 62 12.80 17.36 -6.86
CA ALA A 62 13.62 17.47 -8.06
C ALA A 62 14.54 16.27 -8.19
N GLU A 63 15.17 15.86 -7.09
CA GLU A 63 16.10 14.74 -7.13
C GLU A 63 15.39 13.43 -7.47
N GLU A 64 14.21 13.20 -6.90
CA GLU A 64 13.52 11.94 -7.19
C GLU A 64 13.00 11.91 -8.62
N PHE A 65 12.52 13.06 -9.10
CA PHE A 65 12.07 13.14 -10.49
C PHE A 65 13.23 12.87 -11.45
N LYS A 66 14.39 13.46 -11.18
CA LYS A 66 15.55 13.25 -12.02
C LYS A 66 15.99 11.79 -11.99
N THR A 67 15.97 11.17 -10.81
CA THR A 67 16.37 9.76 -10.71
C THR A 67 15.42 8.88 -11.51
N LEU A 68 14.12 9.05 -11.29
CA LEU A 68 13.16 8.25 -12.01
C LEU A 68 13.33 8.43 -13.52
N ARG A 69 13.45 9.67 -13.98
CA ARG A 69 13.69 9.94 -15.40
C ARG A 69 14.92 9.18 -15.91
N SER A 70 15.96 9.08 -15.09
CA SER A 70 17.20 8.46 -15.55
C SER A 70 17.04 6.98 -15.84
N HIS A 71 16.01 6.35 -15.26
CA HIS A 71 15.78 4.93 -15.43
C HIS A 71 14.99 4.60 -16.70
N PHE A 72 14.66 5.59 -17.52
CA PHE A 72 13.94 5.41 -18.77
C PHE A 72 14.71 6.09 -19.89
N PRO A 73 14.48 5.68 -21.16
CA PRO A 73 15.21 6.30 -22.29
C PRO A 73 14.91 7.77 -22.45
N PRO A 77 8.43 8.65 -23.67
CA PRO A 77 8.07 9.90 -23.01
C PRO A 77 6.86 9.69 -22.11
N PHE A 78 6.57 10.65 -21.24
CA PHE A 78 5.51 10.44 -20.27
C PHE A 78 5.02 11.77 -19.73
N ILE A 79 4.04 11.68 -18.88
CA ILE A 79 3.57 12.83 -18.11
C ILE A 79 3.72 12.51 -16.64
N PHE A 80 3.96 13.53 -15.84
CA PHE A 80 4.35 13.44 -14.44
C PHE A 80 3.50 14.39 -13.63
N GLY A 81 3.12 13.98 -12.43
CA GLY A 81 2.44 14.89 -11.53
C GLY A 81 2.00 14.23 -10.24
N PRO A 82 1.34 14.98 -9.37
CA PRO A 82 0.79 14.39 -8.15
C PRO A 82 -0.48 13.59 -8.42
N ILE A 83 -0.74 12.67 -7.51
CA ILE A 83 -2.03 12.01 -7.41
C ILE A 83 -2.77 12.78 -6.32
N ASP A 84 -2.78 12.25 -5.09
CA ASP A 84 -2.93 13.07 -3.90
C ASP A 84 -1.60 13.78 -3.65
N SER A 85 -1.52 14.60 -2.58
CA SER A 85 -0.31 15.40 -2.37
C SER A 85 0.92 14.58 -1.95
N ASP A 86 0.76 13.31 -1.55
CA ASP A 86 1.86 12.50 -1.06
C ASP A 86 2.30 11.40 -2.01
N HIS A 87 1.68 11.29 -3.18
CA HIS A 87 2.07 10.30 -4.17
C HIS A 87 2.14 10.95 -5.54
N TYR A 88 3.03 10.43 -6.39
CA TYR A 88 3.36 11.02 -7.67
C TYR A 88 3.41 9.95 -8.73
N PHE A 89 2.96 10.28 -9.93
CA PHE A 89 2.89 9.32 -11.03
C PHE A 89 3.72 9.75 -12.23
N LEU A 90 4.16 8.72 -12.95
CA LEU A 90 4.57 8.82 -14.35
C LEU A 90 3.62 7.98 -15.17
N TYR A 91 3.11 8.55 -16.25
CA TYR A 91 2.18 7.87 -17.13
C TYR A 91 2.74 7.86 -18.55
N PHE A 92 2.92 6.66 -19.09
CA PHE A 92 3.42 6.45 -20.45
C PHE A 92 2.22 6.08 -21.30
N HIS A 93 1.68 7.05 -22.01
CA HIS A 93 0.47 6.84 -22.77
C HIS A 93 0.76 6.02 -24.02
N SER A 94 -0.24 5.24 -24.44
CA SER A 94 -0.15 4.45 -25.65
C SER A 94 -0.80 5.17 -26.83
N ASP A 104 -10.29 -2.01 -11.76
CA ASP A 104 -9.45 -2.17 -10.58
C ASP A 104 -9.86 -1.21 -9.48
N ALA A 105 -9.37 -1.48 -8.26
CA ALA A 105 -9.75 -0.72 -7.09
C ALA A 105 -8.53 -0.58 -6.19
N GLN A 106 -8.48 0.51 -5.44
CA GLN A 106 -7.42 0.65 -4.45
C GLN A 106 -7.90 1.61 -3.37
N LEU A 107 -7.87 1.14 -2.14
CA LEU A 107 -8.23 1.93 -0.97
C LEU A 107 -7.08 1.86 0.01
N SER A 108 -6.68 3.01 0.54
CA SER A 108 -5.55 3.11 1.46
CA SER A 108 -5.59 3.04 1.50
C SER A 108 -5.95 3.93 2.67
N MET A 109 -5.47 3.54 3.83
CA MET A 109 -5.65 4.34 5.04
C MET A 109 -4.29 4.66 5.65
N THR A 110 -4.17 5.85 6.20
CA THR A 110 -3.03 6.26 6.99
C THR A 110 -3.57 6.68 8.35
N MET A 111 -2.91 6.23 9.40
CA MET A 111 -3.42 6.36 10.76
C MET A 111 -2.31 6.87 11.67
N TYR A 112 -2.63 7.86 12.49
CA TYR A 112 -1.64 8.53 13.34
C TYR A 112 -2.15 8.53 14.77
N GLY A 113 -1.24 8.30 15.71
CA GLY A 113 -1.63 8.33 17.12
C GLY A 113 -2.41 7.10 17.52
N LEU A 114 -1.75 5.96 17.39
CA LEU A 114 -2.39 4.67 17.59
C LEU A 114 -2.74 4.44 19.06
N ASP A 115 -3.76 3.61 19.28
CA ASP A 115 -4.17 3.20 20.62
C ASP A 115 -3.00 2.60 21.39
N ARG A 116 -2.68 3.21 22.54
CA ARG A 116 -1.51 2.78 23.28
C ARG A 116 -1.69 1.42 23.93
N ASN A 117 -2.94 1.00 24.19
CA ASN A 117 -3.15 -0.34 24.73
C ASN A 117 -2.90 -1.40 23.67
N GLN A 118 -2.98 -1.03 22.40
CA GLN A 118 -2.75 -1.97 21.32
C GLN A 118 -1.28 -2.05 20.93
N THR A 119 -0.59 -0.91 20.92
CA THR A 119 0.75 -0.85 20.33
C THR A 119 1.77 -1.69 21.09
N LYS A 120 1.55 -1.95 22.38
CA LYS A 120 2.48 -2.79 23.12
C LYS A 120 2.65 -4.14 22.45
N HIS A 121 1.59 -4.63 21.81
CA HIS A 121 1.63 -5.93 21.16
C HIS A 121 2.56 -5.94 19.95
N TRP A 122 2.94 -4.78 19.44
CA TRP A 122 3.85 -4.68 18.31
C TRP A 122 5.24 -4.24 18.74
N TYR A 123 5.56 -4.44 20.00
CA TYR A 123 6.92 -4.43 20.50
C TYR A 123 7.32 -5.87 20.80
N SER A 124 8.59 -6.18 20.57
CA SER A 124 9.11 -7.53 20.76
C SER A 124 10.62 -7.43 20.90
N ASP A 125 11.19 -8.34 21.70
CA ASP A 125 12.64 -8.46 21.82
C ASP A 125 13.23 -9.46 20.84
N LYS A 126 12.41 -10.05 19.97
CA LYS A 126 12.89 -10.98 18.95
C LYS A 126 12.09 -10.78 17.67
N MET A 127 12.76 -10.97 16.54
CA MET A 127 12.05 -11.00 15.27
CA MET A 127 12.08 -11.01 15.25
C MET A 127 11.31 -12.33 15.15
N LEU A 128 10.02 -12.25 14.85
CA LEU A 128 9.14 -13.43 14.80
C LEU A 128 8.31 -13.45 13.53
N PRO A 129 8.58 -14.36 12.60
CA PRO A 129 7.69 -14.56 11.44
C PRO A 129 6.43 -15.33 11.85
N THR A 130 5.54 -15.53 10.88
CA THR A 130 4.26 -16.16 11.15
C THR A 130 4.48 -17.41 12.01
N GLY A 131 3.78 -17.45 13.14
CA GLY A 131 3.90 -18.57 14.05
C GLY A 131 2.96 -18.40 15.23
N PRO A 132 3.19 -19.16 16.29
CA PRO A 132 2.32 -19.05 17.46
C PRO A 132 2.33 -17.66 18.06
N GLU A 133 3.48 -16.99 18.04
CA GLU A 133 3.59 -15.68 18.67
C GLU A 133 2.79 -14.64 17.90
N THR A 134 2.88 -14.64 16.57
CA THR A 134 2.10 -13.64 15.83
C THR A 134 0.63 -13.99 15.81
N ALA A 135 0.28 -15.28 15.92
CA ALA A 135 -1.12 -15.65 16.12
C ALA A 135 -1.69 -15.02 17.40
N VAL A 136 -0.94 -15.08 18.51
CA VAL A 136 -1.37 -14.41 19.73
C VAL A 136 -1.54 -12.91 19.50
N ILE A 137 -0.58 -12.29 18.79
CA ILE A 137 -0.66 -10.86 18.50
C ILE A 137 -1.90 -10.53 17.69
N ARG A 138 -2.14 -11.30 16.63
CA ARG A 138 -3.27 -11.03 15.75
C ARG A 138 -4.59 -11.18 16.50
N GLU A 139 -4.71 -12.24 17.31
CA GLU A 139 -5.94 -12.44 18.07
C GLU A 139 -6.13 -11.35 19.13
N ALA A 140 -5.06 -10.98 19.84
CA ALA A 140 -5.19 -10.01 20.93
C ALA A 140 -5.53 -8.62 20.44
N THR A 141 -5.04 -8.23 19.26
CA THR A 141 -5.27 -6.89 18.72
C THR A 141 -6.49 -6.80 17.83
N GLY A 142 -7.08 -7.93 17.42
CA GLY A 142 -8.19 -7.91 16.49
C GLY A 142 -7.78 -7.91 15.03
N LEU A 143 -6.48 -7.99 14.73
CA LEU A 143 -6.08 -8.18 13.34
C LEU A 143 -6.74 -9.40 12.73
N SER A 144 -7.11 -10.40 13.55
CA SER A 144 -7.76 -11.60 13.06
C SER A 144 -9.13 -11.33 12.46
N GLU A 145 -9.77 -10.21 12.82
CA GLU A 145 -11.05 -9.84 12.23
C GLU A 145 -10.87 -9.13 10.89
N VAL A 146 -9.78 -8.38 10.74
CA VAL A 146 -9.46 -7.74 9.48
C VAL A 146 -9.02 -8.78 8.46
N VAL A 147 -8.12 -9.67 8.88
CA VAL A 147 -7.58 -10.72 8.03
C VAL A 147 -8.09 -12.04 8.58
N ASP A 148 -9.31 -12.41 8.21
CA ASP A 148 -9.94 -13.61 8.75
C ASP A 148 -9.48 -14.84 7.98
N ASP A 149 -10.06 -15.99 8.30
CA ASP A 149 -9.56 -17.24 7.78
C ASP A 149 -9.91 -17.48 6.31
N SER A 150 -10.59 -16.53 5.64
CA SER A 150 -10.77 -16.63 4.21
C SER A 150 -9.54 -16.19 3.45
N TRP A 151 -8.58 -15.60 4.15
CA TRP A 151 -7.34 -15.10 3.56
C TRP A 151 -6.20 -16.06 3.87
N ILE A 152 -5.23 -16.10 2.97
CA ILE A 152 -3.94 -16.72 3.22
C ILE A 152 -3.00 -15.60 3.65
N LEU A 153 -2.46 -15.69 4.87
CA LEU A 153 -1.69 -14.60 5.45
C LEU A 153 -0.28 -15.04 5.83
N HIS A 154 0.60 -14.04 5.88
CA HIS A 154 1.89 -14.21 6.50
C HIS A 154 2.29 -12.86 7.09
N ASP A 155 2.99 -12.91 8.22
CA ASP A 155 3.27 -11.69 8.96
C ASP A 155 4.66 -11.74 9.59
N LEU A 156 5.06 -10.62 10.16
CA LEU A 156 6.39 -10.50 10.75
C LEU A 156 6.35 -9.44 11.83
N GLN A 157 6.73 -9.85 13.03
CA GLN A 157 6.86 -8.95 14.17
C GLN A 157 8.35 -8.62 14.32
N TYR A 158 8.68 -7.33 14.30
CA TYR A 158 10.08 -6.91 14.31
C TYR A 158 10.56 -6.61 15.73
N GLU A 159 11.88 -6.66 15.89
CA GLU A 159 12.55 -6.22 17.10
C GLU A 159 13.28 -4.91 16.76
N PRO A 160 13.17 -3.87 17.63
CA PRO A 160 12.45 -3.78 18.90
C PRO A 160 10.94 -3.57 18.77
N CYS A 161 10.50 -3.13 17.60
CA CYS A 161 9.07 -2.93 17.36
C CYS A 161 8.84 -2.78 15.87
N GLY A 162 7.58 -2.81 15.50
CA GLY A 162 7.14 -2.79 14.13
C GLY A 162 6.49 -4.12 13.75
N TYR A 163 5.60 -4.07 12.77
CA TYR A 163 4.86 -5.25 12.35
C TYR A 163 4.37 -5.08 10.92
N SER A 164 4.42 -6.16 10.14
CA SER A 164 3.94 -6.19 8.76
C SER A 164 3.08 -7.43 8.56
N ILE A 165 2.03 -7.31 7.76
CA ILE A 165 1.24 -8.48 7.37
C ILE A 165 0.82 -8.32 5.92
N ASN A 166 0.89 -9.43 5.17
CA ASN A 166 0.35 -9.54 3.83
C ASN A 166 -0.73 -10.61 3.82
N ALA A 167 -1.76 -10.41 3.03
CA ALA A 167 -2.80 -11.43 2.90
C ALA A 167 -3.34 -11.45 1.50
N ILE A 168 -3.64 -12.65 0.99
CA ILE A 168 -4.16 -12.82 -0.36
C ILE A 168 -5.40 -13.69 -0.35
N ARG A 169 -6.30 -13.41 -1.28
CA ARG A 169 -7.55 -14.17 -1.41
C ARG A 169 -7.97 -14.02 -2.87
N GLY A 170 -7.69 -15.05 -3.68
CA GLY A 170 -7.87 -14.88 -5.12
C GLY A 170 -7.10 -13.68 -5.63
N SER A 171 -7.77 -12.81 -6.37
CA SER A 171 -7.09 -11.65 -6.95
C SER A 171 -6.98 -10.49 -5.98
N GLU A 172 -7.47 -10.65 -4.75
CA GLU A 172 -7.47 -9.59 -3.76
C GLU A 172 -6.27 -9.74 -2.81
N TYR A 173 -5.76 -8.59 -2.35
CA TYR A 173 -4.77 -8.54 -1.29
C TYR A 173 -5.21 -7.50 -0.25
N GLN A 174 -4.69 -7.69 0.95
CA GLN A 174 -4.65 -6.68 2.00
C GLN A 174 -3.25 -6.66 2.60
N THR A 175 -2.85 -5.50 3.10
CA THR A 175 -1.57 -5.39 3.77
C THR A 175 -1.62 -4.26 4.79
N ILE A 176 -0.92 -4.45 5.90
CA ILE A 176 -0.85 -3.49 7.00
C ILE A 176 0.61 -3.40 7.42
N HIS A 177 1.04 -2.17 7.68
CA HIS A 177 2.36 -1.91 8.25
C HIS A 177 2.24 -0.99 9.45
N ILE A 178 2.93 -1.34 10.53
CA ILE A 178 2.80 -0.64 11.81
C ILE A 178 4.17 -0.21 12.28
N THR A 179 4.35 1.09 12.52
CA THR A 179 5.57 1.63 13.12
C THR A 179 5.14 2.34 14.39
N PRO A 180 5.15 1.65 15.53
CA PRO A 180 4.43 2.15 16.72
C PRO A 180 5.23 3.05 17.63
N GLU A 181 6.36 3.59 17.19
CA GLU A 181 7.15 4.48 18.04
C GLU A 181 6.24 5.48 18.73
N GLU A 182 6.44 5.65 20.04
CA GLU A 182 5.51 6.47 20.81
C GLU A 182 5.45 7.89 20.27
N HIS A 183 6.60 8.45 19.85
CA HIS A 183 6.64 9.87 19.50
C HIS A 183 5.71 10.18 18.32
N CYS A 184 5.77 9.37 17.25
CA CYS A 184 4.95 9.61 16.06
C CYS A 184 4.43 8.26 15.53
N SER A 185 3.60 7.59 16.32
CA SER A 185 3.11 6.26 15.93
C SER A 185 2.25 6.32 14.67
N PHE A 186 2.35 5.28 13.86
CA PHE A 186 1.77 5.27 12.52
C PHE A 186 1.38 3.86 12.12
N ALA A 187 0.29 3.74 11.39
CA ALA A 187 -0.04 2.49 10.70
C ALA A 187 -0.68 2.79 9.36
N SER A 188 -0.47 1.89 8.42
CA SER A 188 -1.10 2.00 7.11
C SER A 188 -1.84 0.71 6.79
N TYR A 189 -2.84 0.85 5.93
CA TYR A 189 -3.61 -0.26 5.41
C TYR A 189 -3.82 -0.02 3.93
N GLU A 190 -3.76 -1.09 3.15
CA GLU A 190 -4.06 -0.98 1.73
C GLU A 190 -4.76 -2.25 1.26
N THR A 191 -5.71 -2.10 0.35
CA THR A 191 -6.40 -3.26 -0.23
C THR A 191 -6.91 -2.91 -1.62
N ASN A 192 -7.04 -3.93 -2.47
CA ASN A 192 -7.71 -3.80 -3.76
C ASN A 192 -9.07 -4.50 -3.77
N THR A 193 -9.60 -4.82 -2.59
CA THR A 193 -10.90 -5.48 -2.54
C THR A 193 -11.97 -4.58 -3.11
N CYS A 194 -12.87 -5.18 -3.87
CA CYS A 194 -14.02 -4.46 -4.42
C CYS A 194 -15.19 -4.61 -3.46
N ALA A 195 -15.70 -3.49 -2.99
CA ALA A 195 -16.92 -3.43 -2.21
C ALA A 195 -17.69 -2.23 -2.71
N LEU A 196 -19.01 -2.31 -2.61
CA LEU A 196 -19.80 -1.14 -2.93
C LEU A 196 -19.79 -0.12 -1.81
N ASN A 197 -19.62 -0.56 -0.57
CA ASN A 197 -19.59 0.37 0.56
C ASN A 197 -18.50 -0.09 1.51
N TYR A 198 -17.47 0.73 1.66
CA TYR A 198 -16.27 0.38 2.38
C TYR A 198 -16.35 0.66 3.88
N SER A 199 -17.53 1.04 4.40
CA SER A 199 -17.57 1.42 5.82
C SER A 199 -17.17 0.26 6.73
N LYS A 200 -17.62 -0.97 6.45
CA LYS A 200 -17.26 -2.10 7.29
CA LYS A 200 -17.26 -2.10 7.29
C LYS A 200 -15.77 -2.35 7.25
N CYS A 201 -15.17 -2.28 6.06
CA CYS A 201 -13.74 -2.49 5.93
C CYS A 201 -12.95 -1.45 6.73
N ILE A 202 -13.23 -0.16 6.47
CA ILE A 202 -12.50 0.92 7.14
C ILE A 202 -12.70 0.85 8.66
N CYS A 203 -13.95 0.70 9.10
CA CYS A 203 -14.22 0.68 10.53
C CYS A 203 -13.60 -0.55 11.20
N GLY A 204 -13.46 -1.66 10.47
CA GLY A 204 -12.78 -2.80 11.03
C GLY A 204 -11.32 -2.52 11.31
N VAL A 205 -10.66 -1.77 10.42
CA VAL A 205 -9.29 -1.38 10.66
C VAL A 205 -9.20 -0.38 11.81
N LEU A 206 -10.14 0.58 11.87
CA LEU A 206 -10.15 1.53 12.98
C LEU A 206 -10.34 0.83 14.32
N ARG A 207 -11.11 -0.26 14.35
CA ARG A 207 -11.26 -1.04 15.57
C ARG A 207 -9.91 -1.48 16.13
N VAL A 208 -9.00 -1.90 15.24
CA VAL A 208 -7.67 -2.34 15.68
C VAL A 208 -6.85 -1.18 16.22
N PHE A 209 -6.84 -0.06 15.50
CA PHE A 209 -5.88 1.00 15.78
C PHE A 209 -6.44 2.16 16.60
N ASP A 210 -7.77 2.36 16.62
CA ASP A 210 -8.43 3.47 17.30
C ASP A 210 -7.57 4.74 17.28
N PRO A 211 -7.21 5.22 16.09
CA PRO A 211 -6.22 6.30 16.01
C PRO A 211 -6.79 7.68 16.28
N GLU A 212 -5.88 8.58 16.68
CA GLU A 212 -6.25 9.98 16.90
CA GLU A 212 -6.27 9.96 16.91
C GLU A 212 -6.69 10.65 15.61
N ARG A 213 -6.10 10.26 14.49
CA ARG A 213 -6.54 10.81 13.21
C ARG A 213 -6.21 9.81 12.11
N PHE A 214 -6.95 9.92 11.00
CA PHE A 214 -6.69 9.04 9.88
C PHE A 214 -7.17 9.69 8.61
N SER A 215 -6.60 9.24 7.50
CA SER A 215 -7.08 9.61 6.18
C SER A 215 -7.37 8.35 5.39
N VAL A 216 -8.29 8.47 4.43
CA VAL A 216 -8.59 7.40 3.49
C VAL A 216 -8.46 7.96 2.09
N ILE A 217 -7.72 7.25 1.24
CA ILE A 217 -7.58 7.58 -0.16
C ILE A 217 -8.21 6.45 -0.97
N VAL A 218 -9.15 6.79 -1.83
CA VAL A 218 -9.82 5.80 -2.67
CA VAL A 218 -9.87 5.83 -2.67
C VAL A 218 -9.80 6.28 -4.11
N PHE A 219 -9.54 5.35 -5.03
CA PHE A 219 -9.58 5.66 -6.44
C PHE A 219 -10.98 5.49 -6.98
N ILE A 220 -11.42 6.46 -7.79
CA ILE A 220 -12.83 6.59 -8.16
C ILE A 220 -13.00 6.90 -9.65
N ASP A 221 -12.36 6.09 -10.50
CA ASP A 221 -12.51 6.28 -11.92
C ASP A 221 -13.96 6.02 -12.33
N PRO A 222 -14.53 6.85 -13.20
CA PRO A 222 -15.97 6.70 -13.52
C PRO A 222 -16.33 5.35 -14.11
N ASP A 223 -15.38 4.62 -14.69
CA ASP A 223 -15.68 3.32 -15.29
C ASP A 223 -15.43 2.15 -14.33
N SER A 224 -15.08 2.42 -13.08
CA SER A 224 -14.98 1.37 -12.07
C SER A 224 -16.31 1.29 -11.33
N ALA A 225 -16.51 0.18 -10.62
CA ALA A 225 -17.75 -0.01 -9.89
C ALA A 225 -17.92 1.05 -8.81
N VAL A 226 -16.91 1.23 -7.95
CA VAL A 226 -17.04 2.21 -6.88
C VAL A 226 -17.05 3.62 -7.47
N GLY A 227 -16.31 3.85 -8.55
CA GLY A 227 -16.30 5.17 -9.15
C GLY A 227 -17.60 5.48 -9.86
N LYS A 228 -18.17 4.50 -10.55
CA LYS A 228 -19.47 4.72 -11.17
C LYS A 228 -20.49 5.09 -10.10
N SER A 229 -20.41 4.46 -8.93
CA SER A 229 -21.31 4.82 -7.84
C SER A 229 -21.03 6.22 -7.34
N TYR A 230 -19.76 6.52 -7.06
CA TYR A 230 -19.41 7.83 -6.54
C TYR A 230 -19.81 8.94 -7.51
N HIS A 231 -19.48 8.79 -8.79
CA HIS A 231 -19.77 9.84 -9.77
C HIS A 231 -21.27 10.04 -10.00
N SER A 232 -22.11 9.10 -9.58
CA SER A 232 -23.55 9.23 -9.69
C SER A 232 -24.19 9.62 -8.37
N GLY A 233 -23.40 10.06 -7.39
CA GLY A 233 -23.93 10.47 -6.11
C GLY A 233 -24.10 9.37 -5.09
N GLY A 234 -23.54 8.19 -5.32
CA GLY A 234 -23.72 7.10 -4.39
C GLY A 234 -22.88 7.21 -3.13
N THR A 235 -23.29 6.46 -2.11
CA THR A 235 -22.58 6.38 -0.84
C THR A 235 -21.59 5.22 -0.91
N ILE A 236 -20.31 5.51 -0.63
CA ILE A 236 -19.27 4.51 -0.81
C ILE A 236 -18.56 4.12 0.47
N GLY A 237 -18.91 4.71 1.62
CA GLY A 237 -18.39 4.24 2.89
C GLY A 237 -17.38 5.14 3.56
N VAL A 238 -17.07 6.29 2.98
CA VAL A 238 -16.10 7.23 3.54
C VAL A 238 -16.77 8.40 4.25
N GLU A 239 -18.10 8.43 4.28
CA GLU A 239 -18.84 9.63 4.62
C GLU A 239 -19.08 9.72 6.13
N PRO A 240 -19.42 10.90 6.64
CA PRO A 240 -19.33 11.13 8.08
C PRO A 240 -20.30 10.33 8.94
N GLU A 241 -21.43 9.86 8.38
CA GLU A 241 -22.39 9.08 9.14
C GLU A 241 -21.79 7.78 9.67
N TYR A 242 -20.64 7.35 9.16
CA TYR A 242 -20.03 6.11 9.60
C TYR A 242 -18.96 6.29 10.68
N TYR A 243 -18.64 7.54 11.04
CA TYR A 243 -17.50 7.85 11.93
C TYR A 243 -17.96 8.82 13.01
N PRO A 244 -18.85 8.40 13.89
CA PRO A 244 -19.42 9.34 14.87
C PRO A 244 -18.43 9.83 15.90
N ASN A 245 -17.33 9.12 16.13
CA ASN A 245 -16.34 9.58 17.08
C ASN A 245 -15.29 10.49 16.44
N TYR A 246 -15.47 10.84 15.16
CA TYR A 246 -14.51 11.66 14.43
C TYR A 246 -15.21 12.84 13.77
N GLU A 247 -14.42 13.88 13.51
CA GLU A 247 -14.86 15.03 12.73
C GLU A 247 -14.13 14.99 11.38
N ALA A 248 -14.88 15.13 10.28
CA ALA A 248 -14.29 15.18 8.95
C ALA A 248 -13.73 16.56 8.66
N HIS A 249 -12.64 16.57 7.87
CA HIS A 249 -12.03 17.81 7.41
C HIS A 249 -11.48 17.66 5.99
N HIS A 250 -11.72 18.68 5.17
CA HIS A 250 -10.97 18.93 3.94
C HIS A 250 -10.97 17.76 2.94
N ARG A 251 -12.16 17.22 2.70
CA ARG A 251 -12.30 16.25 1.60
C ARG A 251 -11.75 16.89 0.34
N THR A 252 -10.95 16.13 -0.42
CA THR A 252 -10.36 16.64 -1.66
CA THR A 252 -10.37 16.65 -1.65
C THR A 252 -10.52 15.59 -2.74
N VAL A 253 -11.10 16.00 -3.86
CA VAL A 253 -11.26 15.19 -5.06
C VAL A 253 -10.39 15.81 -6.15
N ASN A 254 -9.61 14.97 -6.84
CA ASN A 254 -8.80 15.40 -7.97
C ASN A 254 -8.98 14.45 -9.16
N GLU A 255 -9.19 15.02 -10.35
CA GLU A 255 -8.98 14.29 -11.60
C GLU A 255 -7.51 14.47 -11.90
N TYR A 256 -6.69 13.55 -11.37
CA TYR A 256 -5.25 13.77 -11.32
C TYR A 256 -4.59 13.61 -12.68
N THR A 257 -5.24 12.90 -13.58
CA THR A 257 -4.91 12.97 -15.00
C THR A 257 -6.19 12.62 -15.75
N PRO A 258 -6.33 13.09 -17.01
CA PRO A 258 -7.62 12.95 -17.67
C PRO A 258 -8.21 11.54 -17.60
N GLY A 259 -9.42 11.44 -17.04
CA GLY A 259 -10.12 10.18 -16.95
C GLY A 259 -9.93 9.44 -15.65
N HIS A 260 -9.08 9.93 -14.75
CA HIS A 260 -8.69 9.18 -13.57
C HIS A 260 -8.80 10.08 -12.34
N TRP A 261 -9.43 9.57 -11.30
CA TRP A 261 -9.89 10.38 -10.18
C TRP A 261 -9.49 9.75 -8.85
N VAL A 262 -9.16 10.60 -7.88
CA VAL A 262 -8.79 10.19 -6.54
C VAL A 262 -9.55 11.04 -5.52
N LEU A 263 -9.96 10.40 -4.43
CA LEU A 263 -10.69 11.01 -3.33
C LEU A 263 -9.89 10.80 -2.05
N LYS A 264 -9.72 11.87 -1.27
CA LYS A 264 -9.11 11.79 0.04
C LYS A 264 -10.03 12.42 1.07
N VAL A 265 -10.31 11.67 2.14
CA VAL A 265 -11.03 12.16 3.30
C VAL A 265 -10.10 12.13 4.51
N ASN A 266 -10.34 13.05 5.44
CA ASN A 266 -9.54 13.15 6.65
C ASN A 266 -10.45 13.29 7.85
N TYR A 267 -10.09 12.59 8.92
CA TYR A 267 -10.89 12.49 10.13
C TYR A 267 -9.99 12.69 11.34
N VAL A 268 -10.50 13.40 12.35
CA VAL A 268 -9.77 13.64 13.59
C VAL A 268 -10.67 13.28 14.75
N LYS A 269 -10.12 12.59 15.75
CA LYS A 269 -10.92 12.09 16.85
C LYS A 269 -11.40 13.25 17.71
N ARG A 270 -12.66 13.19 18.09
CA ARG A 270 -13.24 14.23 18.94
C ARG A 270 -12.58 14.21 20.31
N ALA A 271 -11.90 15.31 20.65
CA ALA A 271 -11.21 15.44 21.94
C ALA A 271 -12.21 15.43 23.08
N SER B 1 16.79 -0.24 9.11
CA SER B 1 15.95 -1.02 10.00
C SER B 1 14.47 -0.68 9.80
N PHE B 2 13.58 -1.45 10.44
CA PHE B 2 12.15 -1.28 10.25
C PHE B 2 11.65 -0.18 11.16
N GLU B 3 11.41 0.99 10.56
CA GLU B 3 10.95 2.18 11.26
C GLU B 3 10.47 3.14 10.19
N GLY B 4 9.72 4.16 10.61
CA GLY B 4 9.22 5.12 9.65
C GLY B 4 10.36 5.84 8.99
N PRO B 5 10.10 6.50 7.85
CA PRO B 5 8.81 6.64 7.19
C PRO B 5 8.55 5.52 6.18
N GLU B 6 7.28 5.28 5.94
CA GLU B 6 6.89 4.32 4.92
C GLU B 6 7.19 4.87 3.52
N LYS B 7 7.53 3.96 2.64
CA LYS B 7 7.77 4.21 1.24
C LYS B 7 6.92 3.27 0.41
N ARG B 8 6.54 3.69 -0.80
CA ARG B 8 5.78 2.82 -1.68
C ARG B 8 6.13 3.11 -3.15
N LEU B 9 6.28 2.04 -3.91
CA LEU B 9 6.50 2.08 -5.35
C LEU B 9 5.53 1.10 -6.00
N GLU B 10 4.88 1.53 -7.06
CA GLU B 10 4.05 0.65 -7.87
C GLU B 10 4.42 0.83 -9.33
N VAL B 11 4.57 -0.25 -10.07
CA VAL B 11 4.75 -0.24 -11.51
C VAL B 11 3.66 -1.08 -12.12
N ILE B 12 2.91 -0.52 -13.06
CA ILE B 12 1.87 -1.22 -13.79
C ILE B 12 2.28 -1.30 -15.25
N MET B 13 2.18 -2.49 -15.83
CA MET B 13 2.44 -2.64 -17.25
C MET B 13 1.15 -2.87 -18.01
N ARG B 14 1.14 -2.46 -19.29
CA ARG B 14 0.10 -2.82 -20.24
C ARG B 14 0.44 -4.17 -20.83
N VAL B 15 -0.56 -5.05 -20.90
CA VAL B 15 -0.45 -6.28 -21.66
C VAL B 15 -0.85 -5.91 -23.08
N VAL B 16 0.01 -6.20 -24.05
CA VAL B 16 -0.16 -5.76 -25.42
C VAL B 16 -0.02 -6.95 -26.34
N ASP B 17 -0.28 -6.72 -27.63
CA ASP B 17 0.01 -7.74 -28.63
C ASP B 17 1.48 -8.10 -28.52
N GLY B 18 1.76 -9.38 -28.28
CA GLY B 18 3.12 -9.85 -28.10
C GLY B 18 3.53 -10.14 -26.67
N THR B 19 2.73 -9.76 -25.67
CA THR B 19 3.09 -10.03 -24.29
C THR B 19 2.92 -11.50 -23.98
N HIS B 20 3.85 -12.02 -23.17
CA HIS B 20 3.77 -13.40 -22.68
C HIS B 20 2.40 -13.62 -22.06
N VAL B 21 1.80 -14.79 -22.32
CA VAL B 21 0.45 -15.10 -21.85
C VAL B 21 0.31 -14.93 -20.33
N SER B 22 1.37 -15.18 -19.57
CA SER B 22 1.33 -15.10 -18.11
C SER B 22 1.77 -13.76 -17.57
N GLY B 23 2.17 -12.83 -18.43
CA GLY B 23 2.69 -11.55 -17.95
C GLY B 23 3.82 -11.74 -16.96
N LEU B 24 3.82 -10.92 -15.91
CA LEU B 24 4.88 -10.95 -14.90
C LEU B 24 4.89 -12.23 -14.09
N LEU B 25 3.80 -13.00 -14.09
CA LEU B 25 3.79 -14.29 -13.43
C LEU B 25 4.59 -15.35 -14.19
N ALA B 26 5.16 -15.02 -15.35
CA ALA B 26 6.10 -15.93 -15.99
C ALA B 26 7.41 -16.05 -15.19
N HIS B 27 7.71 -15.10 -14.30
CA HIS B 27 8.97 -15.10 -13.56
C HIS B 27 8.87 -15.91 -12.27
N ASP B 28 10.01 -16.53 -11.89
CA ASP B 28 10.15 -17.20 -10.60
C ASP B 28 10.90 -16.30 -9.64
N ASP B 29 11.15 -16.83 -8.44
CA ASP B 29 11.63 -16.03 -7.33
C ASP B 29 13.00 -15.42 -7.60
N ASP B 30 13.78 -16.00 -8.50
CA ASP B 30 15.10 -15.44 -8.76
C ASP B 30 15.01 -13.99 -9.23
N VAL B 31 13.98 -13.67 -10.02
CA VAL B 31 13.80 -12.31 -10.52
C VAL B 31 13.51 -11.37 -9.36
N TRP B 32 12.59 -11.77 -8.47
CA TRP B 32 12.17 -10.88 -7.41
C TRP B 32 13.23 -10.78 -6.30
N GLN B 33 14.01 -11.86 -6.07
CA GLN B 33 15.13 -11.77 -5.13
C GLN B 33 16.10 -10.67 -5.54
N LYS B 34 16.38 -10.56 -6.83
CA LYS B 34 17.33 -9.55 -7.26
C LYS B 34 16.73 -8.15 -7.14
N VAL B 35 15.44 -8.00 -7.43
CA VAL B 35 14.77 -6.72 -7.20
C VAL B 35 14.92 -6.31 -5.74
N ILE B 36 14.64 -7.22 -4.81
CA ILE B 36 14.71 -6.88 -3.39
C ILE B 36 16.15 -6.61 -2.98
N ASP B 37 17.12 -7.30 -3.59
CA ASP B 37 18.52 -7.01 -3.29
C ASP B 37 18.87 -5.54 -3.54
N ALA B 38 18.19 -4.90 -4.49
CA ALA B 38 18.55 -3.53 -4.84
C ALA B 38 18.24 -2.56 -3.72
N ILE B 39 17.37 -2.93 -2.78
CA ILE B 39 17.14 -2.13 -1.57
C ILE B 39 17.77 -2.78 -0.34
N CYS B 40 18.69 -3.71 -0.56
CA CYS B 40 19.45 -4.32 0.54
C CYS B 40 18.51 -4.99 1.54
N ALA B 41 17.51 -5.70 1.02
CA ALA B 41 16.59 -6.44 1.85
C ALA B 41 16.55 -7.88 1.36
N HIS B 42 15.77 -8.70 2.04
CA HIS B 42 15.67 -10.10 1.64
C HIS B 42 14.26 -10.60 1.94
N ILE B 43 13.94 -11.72 1.30
CA ILE B 43 12.63 -12.36 1.46
C ILE B 43 12.64 -13.16 2.75
N VAL B 44 11.69 -12.85 3.63
CA VAL B 44 11.49 -13.62 4.86
C VAL B 44 10.50 -14.76 4.64
N SER B 45 9.41 -14.50 3.94
CA SER B 45 8.43 -15.54 3.65
C SER B 45 7.62 -15.19 2.41
N ARG B 46 6.88 -16.18 1.91
CA ARG B 46 6.17 -16.13 0.65
C ARG B 46 4.80 -16.77 0.79
N GLU B 47 3.81 -16.23 0.09
CA GLU B 47 2.54 -16.91 -0.14
C GLU B 47 2.12 -16.68 -1.59
N PHE B 48 1.71 -17.74 -2.27
CA PHE B 48 1.38 -17.67 -3.69
C PHE B 48 -0.04 -18.15 -3.93
N ASN B 49 -0.74 -17.53 -4.87
CA ASN B 49 -1.96 -18.11 -5.44
C ASN B 49 -1.95 -17.85 -6.94
N GLU B 50 -3.10 -18.14 -7.59
CA GLU B 50 -3.16 -18.07 -9.05
C GLU B 50 -3.01 -16.67 -9.57
N TYR B 51 -3.16 -15.66 -8.73
CA TYR B 51 -3.13 -14.28 -9.17
C TYR B 51 -1.97 -13.48 -8.62
N ILE B 52 -1.42 -13.85 -7.48
CA ILE B 52 -0.49 -13.00 -6.73
C ILE B 52 0.64 -13.85 -6.19
N ARG B 53 1.86 -13.35 -6.31
CA ARG B 53 2.98 -13.77 -5.46
C ARG B 53 3.20 -12.69 -4.41
N SER B 54 3.09 -13.07 -3.14
CA SER B 54 3.24 -12.17 -2.01
C SER B 54 4.49 -12.50 -1.23
N TYR B 55 5.28 -11.46 -0.93
CA TYR B 55 6.53 -11.60 -0.21
C TYR B 55 6.56 -10.65 0.97
N VAL B 56 6.91 -11.18 2.14
CA VAL B 56 7.22 -10.39 3.32
C VAL B 56 8.75 -10.26 3.40
N LEU B 57 9.22 -9.02 3.61
CA LEU B 57 10.62 -8.65 3.46
C LEU B 57 11.20 -8.10 4.76
N SER B 58 12.53 -8.15 4.85
CA SER B 58 13.25 -7.51 5.96
C SER B 58 14.61 -7.05 5.47
N GLU B 59 15.10 -5.96 6.06
CA GLU B 59 16.51 -5.63 5.93
C GLU B 59 17.34 -6.61 6.79
#